data_5VWM
#
_entry.id   5VWM
#
_cell.length_a   35.850
_cell.length_b   47.590
_cell.length_c   48.410
_cell.angle_alpha   111.300
_cell.angle_beta   109.000
_cell.angle_gamma   98.390
#
_symmetry.space_group_name_H-M   'P 1'
#
loop_
_entity.id
_entity.type
_entity.pdbx_description
1 polymer 'UDP-3-O-acyl-N-acetylglucosamine deacetylase'
2 non-polymer N-{(1S,2R)-2-hydroxy-1-[(hydroxyamino)carbonyl]propyl}-4-{[4-(morpholin-4-ylmethyl)phenyl]ethynyl}benzamide
3 non-polymer 'ZINC ION'
4 non-polymer 'CHLORIDE ION'
5 non-polymer 'CALCIUM ION'
6 non-polymer 1,2-ETHANEDIOL
7 water water
#
_entity_poly.entity_id   1
_entity_poly.type   'polypeptide(L)'
_entity_poly.pdbx_seq_one_letter_code
;MSHHHHHHSGEVKPEVKPETHINLKVSDGSSEIFFKIKKTTPLRRLMEAFAKRQGKEMDSLRFLYDGIRIQADQTPEDLD
MEDNDIIEAHREQIGGSMIKQRTLKNIIRATGVGLHSGEKVYLTLKPAPVDTGIVFCRTDLDPVVEIPARAENVGETTMS
TTLVKGDVKVDTVEHLLSAMAGLGIDNAYVELSASEVPIMDGSAGPFVFLIQSAGLQEQEAAKKFIRIKREVSVEEGDKR
AVFVPFDGFKVSFEIDFDHPVFRGRTQQASVDFSSTSFVKEVSRARTFGFMRDIEYLRSQNLALGGSVENAIVVDENRVL
NEDGLRYEDEFVKHKILDAIGDLYLLGNSLIGEFRGFKSGHALNNQLLRTLIADKDAWEVVTFEDARTAPISYMRPAAAV
;
_entity_poly.pdbx_strand_id   A
#
loop_
_chem_comp.id
_chem_comp.type
_chem_comp.name
_chem_comp.formula
C90 non-polymer N-{(1S,2R)-2-hydroxy-1-[(hydroxyamino)carbonyl]propyl}-4-{[4-(morpholin-4-ylmethyl)phenyl]ethynyl}benzamide 'C24 H27 N3 O5'
CA non-polymer 'CALCIUM ION' 'Ca 2'
CL non-polymer 'CHLORIDE ION' 'Cl -1'
EDO non-polymer 1,2-ETHANEDIOL 'C2 H6 O2'
ZN non-polymer 'ZINC ION' 'Zn 2'
#
# COMPACT_ATOMS: atom_id res chain seq x y z
N SER A 97 -8.37 -5.20 27.21
CA SER A 97 -7.06 -4.62 26.95
C SER A 97 -7.14 -3.54 25.87
N MET A 98 -6.26 -2.54 25.96
CA MET A 98 -6.25 -1.52 24.91
C MET A 98 -5.70 -2.09 23.61
N ILE A 99 -6.03 -1.43 22.50
CA ILE A 99 -5.42 -1.81 21.23
C ILE A 99 -4.00 -1.23 21.24
N LYS A 100 -3.01 -2.11 21.18
CA LYS A 100 -1.61 -1.73 21.34
C LYS A 100 -0.92 -1.55 20.00
N GLN A 101 0.08 -0.68 19.97
CA GLN A 101 0.94 -0.59 18.80
C GLN A 101 1.63 -1.92 18.56
N ARG A 102 1.96 -2.20 17.30
CA ARG A 102 2.60 -3.45 16.94
C ARG A 102 3.89 -3.20 16.18
N THR A 103 4.89 -4.03 16.45
CA THR A 103 6.10 -4.08 15.63
C THR A 103 6.37 -5.52 15.24
N LEU A 104 7.52 -5.77 14.62
CA LEU A 104 7.90 -7.14 14.27
CA LEU A 104 7.91 -7.14 14.28
C LEU A 104 8.42 -7.87 15.50
N LYS A 105 8.09 -9.15 15.59
CA LYS A 105 8.64 -9.96 16.68
C LYS A 105 10.02 -10.50 16.35
N ASN A 106 10.37 -10.61 15.06
CA ASN A 106 11.67 -11.10 14.64
C ASN A 106 12.07 -10.39 13.36
N ILE A 107 13.38 -10.37 13.10
CA ILE A 107 13.90 -9.78 11.86
C ILE A 107 13.48 -10.62 10.66
N ILE A 108 13.10 -9.95 9.57
CA ILE A 108 12.68 -10.60 8.35
C ILE A 108 13.65 -10.21 7.25
N ARG A 109 14.04 -11.18 6.42
CA ARG A 109 14.93 -10.91 5.30
C ARG A 109 14.33 -11.46 4.01
N ALA A 110 14.47 -10.68 2.94
CA ALA A 110 14.02 -11.13 1.63
C ALA A 110 14.96 -10.57 0.58
N THR A 111 15.09 -11.28 -0.52
CA THR A 111 15.84 -10.82 -1.68
C THR A 111 14.90 -10.77 -2.88
N GLY A 112 15.07 -9.77 -3.73
CA GLY A 112 14.26 -9.68 -4.92
C GLY A 112 14.87 -8.73 -5.92
N VAL A 113 14.01 -8.24 -6.82
CA VAL A 113 14.43 -7.24 -7.80
CA VAL A 113 14.40 -7.28 -7.84
C VAL A 113 13.39 -6.15 -7.85
N GLY A 114 13.85 -4.92 -8.12
CA GLY A 114 12.92 -3.81 -8.26
C GLY A 114 12.17 -3.93 -9.58
N LEU A 115 10.84 -3.77 -9.54
CA LEU A 115 10.03 -3.89 -10.75
C LEU A 115 10.54 -2.95 -11.85
N HIS A 116 10.80 -1.70 -11.51
CA HIS A 116 11.14 -0.71 -12.51
C HIS A 116 12.63 -0.62 -12.79
N SER A 117 13.45 -0.68 -11.75
CA SER A 117 14.90 -0.59 -11.97
C SER A 117 15.51 -1.90 -12.41
N GLY A 118 14.84 -3.03 -12.12
CA GLY A 118 15.46 -4.31 -12.35
C GLY A 118 16.62 -4.64 -11.43
N GLU A 119 16.90 -3.80 -10.44
CA GLU A 119 18.07 -4.01 -9.58
C GLU A 119 17.80 -5.07 -8.52
N LYS A 120 18.77 -5.97 -8.33
CA LYS A 120 18.74 -6.88 -7.20
C LYS A 120 18.79 -6.08 -5.89
N VAL A 121 17.95 -6.45 -4.94
CA VAL A 121 17.86 -5.70 -3.69
C VAL A 121 17.64 -6.66 -2.53
N TYR A 122 18.30 -6.39 -1.42
CA TYR A 122 18.13 -7.13 -0.19
C TYR A 122 17.27 -6.29 0.74
N LEU A 123 16.21 -6.88 1.24
CA LEU A 123 15.25 -6.20 2.09
C LEU A 123 15.34 -6.80 3.49
N THR A 124 15.48 -5.95 4.49
CA THR A 124 15.49 -6.39 5.90
C THR A 124 14.45 -5.59 6.66
N LEU A 125 13.52 -6.28 7.31
CA LEU A 125 12.52 -5.66 8.16
C LEU A 125 12.91 -5.93 9.60
N LYS A 126 12.98 -4.87 10.42
CA LYS A 126 13.44 -4.95 11.79
C LYS A 126 12.42 -4.34 12.74
N PRO A 127 12.32 -4.86 13.96
CA PRO A 127 11.50 -4.21 14.98
C PRO A 127 11.98 -2.79 15.25
N ALA A 128 11.08 -1.95 15.72
CA ALA A 128 11.38 -0.55 15.99
C ALA A 128 10.58 -0.12 17.20
N PRO A 129 11.04 0.91 17.91
CA PRO A 129 10.37 1.33 19.16
C PRO A 129 9.01 1.95 18.90
N VAL A 130 8.26 2.13 20.00
CA VAL A 130 6.96 2.77 19.91
CA VAL A 130 6.97 2.79 19.94
C VAL A 130 7.12 4.16 19.27
N ASP A 131 6.09 4.54 18.51
CA ASP A 131 5.98 5.85 17.85
C ASP A 131 7.07 6.10 16.81
N THR A 132 7.72 5.03 16.34
CA THR A 132 8.67 5.19 15.25
C THR A 132 7.97 5.41 13.91
N GLY A 133 6.85 4.71 13.70
CA GLY A 133 6.27 4.59 12.39
C GLY A 133 7.08 3.61 11.55
N ILE A 134 6.78 3.59 10.26
CA ILE A 134 7.51 2.79 9.30
C ILE A 134 8.57 3.70 8.71
N VAL A 135 9.83 3.28 8.80
CA VAL A 135 10.96 4.10 8.34
C VAL A 135 11.81 3.28 7.38
N PHE A 136 12.02 3.80 6.17
CA PHE A 136 12.86 3.14 5.18
C PHE A 136 14.29 3.62 5.34
N CYS A 137 15.24 2.72 5.12
CA CYS A 137 16.64 3.04 5.33
C CYS A 137 17.45 2.51 4.17
N ARG A 138 18.18 3.41 3.48
CA ARG A 138 19.06 3.00 2.37
C ARG A 138 20.40 2.64 2.97
N THR A 139 20.60 1.34 3.22
CA THR A 139 21.81 0.89 3.89
C THR A 139 22.95 0.66 2.92
N ASP A 140 22.72 0.84 1.62
CA ASP A 140 23.84 0.89 0.68
C ASP A 140 24.62 2.20 0.78
N LEU A 141 24.03 3.22 1.38
CA LEU A 141 24.67 4.52 1.57
C LEU A 141 25.34 4.61 2.93
N ASP A 142 26.35 5.48 3.02
CA ASP A 142 27.07 5.64 4.28
C ASP A 142 27.48 7.10 4.43
N PRO A 143 26.92 7.85 5.41
CA PRO A 143 25.92 7.36 6.36
C PRO A 143 24.59 6.96 5.71
N VAL A 144 23.78 6.15 6.39
CA VAL A 144 22.51 5.75 5.82
C VAL A 144 21.65 6.99 5.64
N VAL A 145 20.66 6.89 4.74
CA VAL A 145 19.60 7.86 4.63
C VAL A 145 18.33 7.17 5.10
N GLU A 146 17.68 7.75 6.10
CA GLU A 146 16.44 7.21 6.66
C GLU A 146 15.26 8.09 6.26
N ILE A 147 14.22 7.47 5.70
CA ILE A 147 13.08 8.23 5.22
C ILE A 147 11.81 7.67 5.85
N PRO A 148 11.18 8.41 6.77
CA PRO A 148 9.89 7.95 7.30
C PRO A 148 8.87 7.82 6.17
N ALA A 149 8.05 6.76 6.25
CA ALA A 149 7.06 6.47 5.23
C ALA A 149 5.83 7.32 5.51
N ARG A 150 5.95 8.61 5.20
CA ARG A 150 4.93 9.61 5.48
C ARG A 150 4.67 10.44 4.24
N ALA A 151 3.43 10.95 4.14
CA ALA A 151 3.01 11.68 2.95
C ALA A 151 3.95 12.84 2.63
N GLU A 152 4.48 13.50 3.66
CA GLU A 152 5.35 14.66 3.45
C GLU A 152 6.65 14.29 2.74
N ASN A 153 7.02 13.01 2.71
CA ASN A 153 8.24 12.58 2.04
C ASN A 153 8.00 11.95 0.68
N VAL A 154 6.77 11.99 0.18
CA VAL A 154 6.50 11.50 -1.17
C VAL A 154 7.01 12.54 -2.16
N GLY A 155 7.89 12.11 -3.07
CA GLY A 155 8.52 13.07 -3.94
C GLY A 155 8.21 12.85 -5.39
N GLU A 156 7.69 11.67 -5.70
CA GLU A 156 7.37 11.30 -7.07
C GLU A 156 6.29 10.25 -7.02
N THR A 157 5.39 10.29 -8.01
CA THR A 157 4.28 9.35 -8.02
C THR A 157 4.04 8.77 -9.42
N THR A 158 4.96 8.97 -10.35
CA THR A 158 4.86 8.37 -11.67
C THR A 158 5.16 6.87 -11.59
N MET A 159 4.24 6.07 -12.12
CA MET A 159 4.32 4.60 -12.11
C MET A 159 4.13 4.03 -10.71
N SER A 160 4.90 4.48 -9.73
CA SER A 160 4.79 3.93 -8.37
C SER A 160 4.98 5.07 -7.38
N THR A 161 4.82 4.78 -6.08
CA THR A 161 5.01 5.81 -5.07
C THR A 161 6.46 5.83 -4.60
N THR A 162 7.06 7.01 -4.63
CA THR A 162 8.47 7.17 -4.35
C THR A 162 8.67 8.15 -3.20
N LEU A 163 9.48 7.76 -2.22
CA LEU A 163 9.89 8.62 -1.12
C LEU A 163 11.23 9.26 -1.46
N VAL A 164 11.42 10.52 -1.07
CA VAL A 164 12.61 11.29 -1.41
CA VAL A 164 12.63 11.27 -1.40
C VAL A 164 13.13 12.00 -0.16
N LYS A 165 14.46 12.09 -0.03
CA LYS A 165 15.11 12.86 1.03
C LYS A 165 16.50 13.22 0.50
N GLY A 166 16.84 14.51 0.54
CA GLY A 166 18.08 14.91 -0.09
C GLY A 166 18.05 14.53 -1.56
N ASP A 167 19.13 13.90 -2.03
CA ASP A 167 19.22 13.41 -3.41
C ASP A 167 18.70 11.99 -3.56
N VAL A 168 18.23 11.39 -2.48
CA VAL A 168 18.07 9.94 -2.37
C VAL A 168 16.59 9.60 -2.47
N LYS A 169 16.30 8.44 -3.05
CA LYS A 169 14.91 8.01 -3.17
CA LYS A 169 14.92 8.00 -3.23
C LYS A 169 14.77 6.55 -2.76
N VAL A 170 13.53 6.20 -2.42
CA VAL A 170 13.11 4.82 -2.20
C VAL A 170 11.88 4.65 -3.07
N ASP A 171 11.98 3.80 -4.08
CA ASP A 171 10.93 3.62 -5.08
C ASP A 171 9.99 2.48 -4.72
N THR A 172 8.73 2.64 -5.12
CA THR A 172 7.74 1.57 -5.15
C THR A 172 7.50 0.99 -3.75
N VAL A 173 7.04 1.87 -2.86
CA VAL A 173 6.80 1.48 -1.48
C VAL A 173 5.40 0.94 -1.23
N GLU A 174 4.50 1.02 -2.22
CA GLU A 174 3.07 0.88 -1.92
C GLU A 174 2.68 -0.56 -1.56
N HIS A 175 3.30 -1.57 -2.19
CA HIS A 175 2.88 -2.95 -1.92
C HIS A 175 3.36 -3.40 -0.56
N LEU A 176 4.59 -3.04 -0.18
CA LEU A 176 5.06 -3.35 1.16
C LEU A 176 4.23 -2.63 2.21
N LEU A 177 3.96 -1.33 1.99
CA LEU A 177 3.14 -0.61 2.96
C LEU A 177 1.72 -1.15 3.02
N SER A 178 1.21 -1.68 1.90
CA SER A 178 -0.12 -2.28 1.94
C SER A 178 -0.14 -3.48 2.89
N ALA A 179 0.91 -4.31 2.84
CA ALA A 179 1.02 -5.42 3.77
C ALA A 179 1.13 -4.94 5.21
N MET A 180 1.93 -3.89 5.45
CA MET A 180 2.07 -3.34 6.81
CA MET A 180 2.06 -3.41 6.82
C MET A 180 0.73 -2.86 7.33
N ALA A 181 0.01 -2.10 6.50
CA ALA A 181 -1.32 -1.62 6.88
C ALA A 181 -2.28 -2.79 7.10
N GLY A 182 -2.27 -3.76 6.19
CA GLY A 182 -3.18 -4.87 6.29
C GLY A 182 -3.01 -5.69 7.56
N LEU A 183 -1.78 -5.75 8.08
CA LEU A 183 -1.46 -6.52 9.28
C LEU A 183 -1.42 -5.66 10.54
N GLY A 184 -1.63 -4.36 10.40
CA GLY A 184 -1.63 -3.47 11.55
C GLY A 184 -0.27 -3.21 12.17
N ILE A 185 0.78 -3.10 11.37
CA ILE A 185 2.12 -2.83 11.90
C ILE A 185 2.35 -1.33 11.99
N ASP A 186 2.61 -0.84 13.20
CA ASP A 186 2.85 0.58 13.45
C ASP A 186 4.31 0.97 13.25
N ASN A 187 5.21 0.16 13.78
CA ASN A 187 6.61 0.56 13.91
C ASN A 187 7.51 -0.50 13.28
N ALA A 188 8.40 -0.07 12.38
CA ALA A 188 9.31 -1.01 11.75
C ALA A 188 10.40 -0.24 11.03
N TYR A 189 11.60 -0.79 11.02
CA TYR A 189 12.66 -0.30 10.16
C TYR A 189 12.71 -1.18 8.91
N VAL A 190 12.73 -0.54 7.74
CA VAL A 190 12.75 -1.26 6.47
C VAL A 190 14.08 -0.94 5.80
N GLU A 191 15.03 -1.87 5.87
CA GLU A 191 16.35 -1.68 5.28
C GLU A 191 16.35 -2.19 3.85
N LEU A 192 16.94 -1.40 2.95
CA LEU A 192 17.05 -1.76 1.53
C LEU A 192 18.46 -1.52 1.06
N SER A 193 18.98 -2.45 0.25
CA SER A 193 20.34 -2.31 -0.28
C SER A 193 20.37 -1.59 -1.62
N ALA A 194 19.22 -1.11 -2.09
CA ALA A 194 19.08 -0.42 -3.37
C ALA A 194 17.88 0.51 -3.28
N SER A 195 17.65 1.28 -4.35
CA SER A 195 16.64 2.33 -4.24
C SER A 195 15.21 1.82 -4.34
N GLU A 196 14.96 0.61 -4.85
CA GLU A 196 13.59 0.16 -5.07
C GLU A 196 13.26 -1.08 -4.23
N VAL A 197 12.10 -1.07 -3.60
CA VAL A 197 11.60 -2.24 -2.87
C VAL A 197 11.45 -3.41 -3.85
N PRO A 198 11.82 -4.64 -3.48
CA PRO A 198 11.61 -5.77 -4.39
C PRO A 198 10.14 -5.99 -4.70
N ILE A 199 9.85 -6.34 -5.95
CA ILE A 199 8.47 -6.53 -6.39
C ILE A 199 7.88 -7.89 -5.97
N MET A 200 8.73 -8.88 -5.66
CA MET A 200 8.31 -10.23 -5.23
C MET A 200 7.45 -10.84 -6.33
N ASP A 201 6.20 -11.24 -6.06
CA ASP A 201 5.33 -11.80 -7.09
C ASP A 201 4.36 -10.76 -7.65
N GLY A 202 4.59 -9.49 -7.34
CA GLY A 202 3.74 -8.41 -7.81
C GLY A 202 2.60 -8.07 -6.88
N SER A 203 2.43 -8.80 -5.80
CA SER A 203 1.35 -8.56 -4.85
C SER A 203 1.95 -8.26 -3.48
N ALA A 204 1.09 -8.18 -2.47
CA ALA A 204 1.55 -8.06 -1.09
C ALA A 204 1.69 -9.43 -0.39
N GLY A 205 1.30 -10.52 -1.06
CA GLY A 205 1.29 -11.85 -0.50
C GLY A 205 2.59 -12.30 0.14
N PRO A 206 3.69 -12.23 -0.60
CA PRO A 206 4.97 -12.66 -0.02
C PRO A 206 5.37 -11.85 1.19
N PHE A 207 5.18 -10.52 1.18
CA PHE A 207 5.46 -9.73 2.38
C PHE A 207 4.58 -10.16 3.54
N VAL A 208 3.28 -10.33 3.28
CA VAL A 208 2.37 -10.74 4.36
C VAL A 208 2.81 -12.07 4.94
N PHE A 209 3.19 -13.02 4.10
CA PHE A 209 3.62 -14.32 4.61
C PHE A 209 4.94 -14.22 5.38
N LEU A 210 5.91 -13.46 4.88
CA LEU A 210 7.16 -13.31 5.61
C LEU A 210 6.93 -12.68 6.98
N ILE A 211 6.05 -11.67 7.05
CA ILE A 211 5.76 -11.01 8.30
C ILE A 211 5.05 -11.94 9.26
N GLN A 212 4.00 -12.62 8.78
CA GLN A 212 3.24 -13.49 9.67
C GLN A 212 4.04 -14.73 10.09
N SER A 213 5.06 -15.10 9.32
CA SER A 213 5.96 -16.18 9.75
C SER A 213 6.86 -15.71 10.89
N ALA A 214 7.32 -14.47 10.81
CA ALA A 214 8.12 -13.90 11.90
C ALA A 214 7.27 -13.66 13.13
N GLY A 215 6.02 -13.23 12.92
CA GLY A 215 5.14 -12.85 13.99
C GLY A 215 5.25 -11.37 14.33
N LEU A 216 4.19 -10.85 14.93
CA LEU A 216 4.12 -9.46 15.37
C LEU A 216 4.24 -9.41 16.89
N GLN A 217 4.65 -8.25 17.38
CA GLN A 217 4.88 -8.03 18.81
C GLN A 217 4.09 -6.79 19.24
N GLU A 218 3.14 -6.96 20.15
CA GLU A 218 2.48 -5.80 20.70
C GLU A 218 3.42 -5.04 21.63
N GLN A 219 3.24 -3.73 21.66
CA GLN A 219 4.09 -2.83 22.43
C GLN A 219 3.26 -2.08 23.47
N GLU A 220 3.92 -1.60 24.51
CA GLU A 220 3.21 -1.00 25.64
C GLU A 220 2.93 0.49 25.38
N ALA A 221 2.11 0.71 24.36
CA ALA A 221 1.61 2.04 24.05
C ALA A 221 0.36 1.88 23.19
N ALA A 222 -0.59 2.79 23.38
CA ALA A 222 -1.84 2.75 22.62
C ALA A 222 -1.60 2.95 21.13
N LYS A 223 -2.20 2.10 20.31
CA LYS A 223 -2.20 2.31 18.88
C LYS A 223 -3.09 3.50 18.54
N LYS A 224 -2.57 4.39 17.69
CA LYS A 224 -3.27 5.61 17.30
C LYS A 224 -3.92 5.44 15.93
N PHE A 225 -5.17 5.88 15.81
CA PHE A 225 -5.93 5.82 14.56
C PHE A 225 -6.27 7.24 14.12
N ILE A 226 -6.32 7.44 12.80
CA ILE A 226 -6.83 8.67 12.21
C ILE A 226 -8.28 8.41 11.82
N ARG A 227 -9.22 9.11 12.46
CA ARG A 227 -10.64 8.95 12.17
CA ARG A 227 -10.65 8.95 12.19
C ARG A 227 -11.13 10.09 11.30
N ILE A 228 -11.77 9.75 10.18
CA ILE A 228 -12.34 10.75 9.29
C ILE A 228 -13.63 11.30 9.90
N LYS A 229 -13.68 12.62 10.09
CA LYS A 229 -14.83 13.29 10.66
C LYS A 229 -15.70 14.00 9.63
N ARG A 230 -15.12 14.36 8.49
CA ARG A 230 -15.81 15.10 7.44
C ARG A 230 -15.35 14.58 6.09
N GLU A 231 -16.22 14.67 5.10
CA GLU A 231 -15.83 14.26 3.75
C GLU A 231 -14.71 15.14 3.23
N VAL A 232 -13.74 14.52 2.57
CA VAL A 232 -12.65 15.22 1.89
C VAL A 232 -12.48 14.60 0.52
N SER A 233 -12.56 15.43 -0.52
CA SER A 233 -12.56 14.99 -1.90
C SER A 233 -11.53 15.77 -2.71
N VAL A 234 -10.76 15.07 -3.54
CA VAL A 234 -9.92 15.74 -4.53
C VAL A 234 -10.22 15.14 -5.89
N GLU A 235 -10.14 15.99 -6.91
CA GLU A 235 -10.36 15.56 -8.28
CA GLU A 235 -10.37 15.56 -8.28
C GLU A 235 -9.31 16.20 -9.17
N GLU A 236 -9.02 15.53 -10.29
CA GLU A 236 -8.24 16.13 -11.35
C GLU A 236 -8.61 15.43 -12.65
N GLY A 237 -9.11 16.19 -13.62
CA GLY A 237 -9.59 15.56 -14.83
C GLY A 237 -10.76 14.65 -14.49
N ASP A 238 -10.72 13.42 -15.02
CA ASP A 238 -11.79 12.46 -14.72
C ASP A 238 -11.47 11.59 -13.50
N LYS A 239 -10.42 11.91 -12.75
CA LYS A 239 -10.01 11.11 -11.60
C LYS A 239 -10.54 11.72 -10.31
N ARG A 240 -10.89 10.85 -9.36
CA ARG A 240 -11.43 11.33 -8.09
C ARG A 240 -10.99 10.40 -6.97
N ALA A 241 -10.70 10.98 -5.81
CA ALA A 241 -10.36 10.22 -4.60
C ALA A 241 -11.05 10.90 -3.43
N VAL A 242 -11.73 10.14 -2.57
CA VAL A 242 -12.57 10.72 -1.52
CA VAL A 242 -12.52 10.76 -1.50
C VAL A 242 -12.37 9.95 -0.22
N PHE A 243 -12.33 10.68 0.89
CA PHE A 243 -12.49 10.11 2.24
C PHE A 243 -13.88 10.48 2.74
N VAL A 244 -14.61 9.51 3.28
CA VAL A 244 -15.87 9.83 3.97
CA VAL A 244 -15.90 9.75 3.92
C VAL A 244 -15.88 9.15 5.33
N PRO A 245 -16.56 9.75 6.32
CA PRO A 245 -16.65 9.11 7.63
C PRO A 245 -17.31 7.73 7.53
N PHE A 246 -16.81 6.80 8.33
CA PHE A 246 -17.26 5.42 8.29
C PHE A 246 -16.76 4.72 9.53
N ASP A 247 -17.62 3.98 10.21
CA ASP A 247 -17.25 3.34 11.47
CA ASP A 247 -17.26 3.33 11.47
C ASP A 247 -16.61 1.98 11.16
N GLY A 248 -15.36 2.04 10.75
CA GLY A 248 -14.60 0.87 10.35
C GLY A 248 -13.53 1.29 9.35
N PHE A 249 -13.18 0.37 8.45
CA PHE A 249 -12.28 0.69 7.34
C PHE A 249 -12.80 0.02 6.08
N LYS A 250 -13.05 0.81 5.05
CA LYS A 250 -13.66 0.32 3.82
C LYS A 250 -12.99 1.02 2.66
N VAL A 251 -12.71 0.27 1.61
CA VAL A 251 -12.03 0.82 0.44
C VAL A 251 -12.80 0.37 -0.80
N SER A 252 -13.15 1.33 -1.64
CA SER A 252 -13.80 1.05 -2.91
CA SER A 252 -13.78 1.04 -2.91
C SER A 252 -13.00 1.71 -4.02
N PHE A 253 -12.97 1.05 -5.18
CA PHE A 253 -12.22 1.55 -6.32
C PHE A 253 -12.99 1.22 -7.58
N GLU A 254 -12.86 2.11 -8.57
CA GLU A 254 -13.42 1.88 -9.89
C GLU A 254 -12.37 2.21 -10.93
N ILE A 255 -12.15 1.28 -11.85
CA ILE A 255 -11.28 1.50 -13.00
C ILE A 255 -12.16 1.61 -14.23
N ASP A 256 -11.57 2.12 -15.33
CA ASP A 256 -12.32 2.24 -16.59
C ASP A 256 -11.30 2.19 -17.73
N PHE A 257 -10.87 0.97 -18.06
CA PHE A 257 -9.91 0.76 -19.13
C PHE A 257 -10.66 0.52 -20.44
N ASP A 258 -10.35 1.32 -21.45
CA ASP A 258 -10.89 1.14 -22.80
C ASP A 258 -10.08 0.07 -23.50
N HIS A 259 -10.39 -1.20 -23.15
CA HIS A 259 -9.58 -2.34 -23.54
C HIS A 259 -10.43 -3.61 -23.59
N PRO A 260 -10.22 -4.47 -24.59
CA PRO A 260 -11.07 -5.68 -24.73
C PRO A 260 -11.03 -6.63 -23.54
N VAL A 261 -9.94 -6.65 -22.77
CA VAL A 261 -9.85 -7.55 -21.62
C VAL A 261 -10.62 -7.00 -20.42
N PHE A 262 -10.96 -5.71 -20.42
CA PHE A 262 -11.63 -5.05 -19.30
C PHE A 262 -13.09 -4.75 -19.57
N ARG A 263 -13.44 -4.45 -20.83
CA ARG A 263 -14.83 -4.20 -21.16
CA ARG A 263 -14.83 -4.23 -21.23
C ARG A 263 -15.69 -5.42 -20.83
N GLY A 264 -16.82 -5.15 -20.17
CA GLY A 264 -17.75 -6.19 -19.79
C GLY A 264 -17.39 -6.96 -18.53
N ARG A 265 -16.30 -6.60 -17.84
CA ARG A 265 -15.86 -7.24 -16.61
C ARG A 265 -16.16 -6.38 -15.39
N THR A 266 -15.86 -6.93 -14.22
CA THR A 266 -16.00 -6.24 -12.94
C THR A 266 -14.90 -5.20 -12.81
N GLN A 267 -15.24 -3.93 -13.01
CA GLN A 267 -14.27 -2.85 -12.88
C GLN A 267 -14.52 -1.98 -11.65
N GLN A 268 -15.45 -2.37 -10.78
CA GLN A 268 -15.66 -1.69 -9.50
C GLN A 268 -15.68 -2.75 -8.42
N ALA A 269 -15.06 -2.45 -7.28
CA ALA A 269 -15.11 -3.36 -6.13
C ALA A 269 -15.09 -2.54 -4.85
N SER A 270 -15.70 -3.10 -3.81
CA SER A 270 -15.73 -2.49 -2.49
CA SER A 270 -15.74 -2.49 -2.48
C SER A 270 -15.40 -3.56 -1.46
N VAL A 271 -14.44 -3.26 -0.59
CA VAL A 271 -14.05 -4.20 0.45
C VAL A 271 -14.23 -3.51 1.79
N ASP A 272 -15.06 -4.09 2.64
CA ASP A 272 -15.26 -3.67 4.02
C ASP A 272 -14.54 -4.68 4.90
N PHE A 273 -13.47 -4.25 5.56
CA PHE A 273 -12.62 -5.19 6.28
C PHE A 273 -13.23 -5.67 7.61
N SER A 274 -14.46 -5.24 7.95
CA SER A 274 -15.14 -5.92 9.05
C SER A 274 -15.71 -7.26 8.61
N SER A 275 -15.93 -7.46 7.31
CA SER A 275 -16.48 -8.71 6.81
C SER A 275 -15.61 -9.37 5.76
N THR A 276 -14.50 -8.74 5.35
CA THR A 276 -13.63 -9.26 4.31
C THR A 276 -12.19 -9.24 4.79
N SER A 277 -11.48 -10.34 4.53
CA SER A 277 -10.11 -10.52 4.98
CA SER A 277 -10.11 -10.50 4.99
C SER A 277 -9.15 -9.84 4.01
N PHE A 278 -8.32 -8.92 4.53
CA PHE A 278 -7.25 -8.37 3.70
C PHE A 278 -6.37 -9.49 3.16
N VAL A 279 -5.98 -10.44 4.03
CA VAL A 279 -5.05 -11.49 3.62
C VAL A 279 -5.61 -12.29 2.46
N LYS A 280 -6.85 -12.76 2.60
CA LYS A 280 -7.35 -13.72 1.61
C LYS A 280 -7.92 -13.05 0.37
N GLU A 281 -8.49 -11.86 0.50
CA GLU A 281 -9.19 -11.27 -0.63
C GLU A 281 -8.48 -10.12 -1.32
N VAL A 282 -7.45 -9.52 -0.71
CA VAL A 282 -6.74 -8.40 -1.31
C VAL A 282 -5.26 -8.68 -1.51
N SER A 283 -4.60 -9.31 -0.52
CA SER A 283 -3.14 -9.26 -0.47
C SER A 283 -2.48 -9.93 -1.67
N ARG A 284 -3.12 -10.95 -2.24
CA ARG A 284 -2.53 -11.72 -3.34
C ARG A 284 -2.78 -11.09 -4.72
N ALA A 285 -3.41 -9.93 -4.79
CA ALA A 285 -3.75 -9.36 -6.10
C ALA A 285 -2.51 -8.70 -6.69
N ARG A 286 -2.11 -9.14 -7.87
CA ARG A 286 -0.84 -8.73 -8.47
C ARG A 286 -0.97 -7.46 -9.32
N THR A 287 0.14 -6.74 -9.41
CA THR A 287 0.24 -5.61 -10.32
C THR A 287 0.09 -6.08 -11.76
N PHE A 288 -0.17 -5.12 -12.65
CA PHE A 288 -0.42 -5.49 -14.04
C PHE A 288 0.08 -4.39 -14.96
N GLY A 289 0.43 -4.80 -16.17
CA GLY A 289 0.83 -3.87 -17.20
C GLY A 289 0.42 -4.41 -18.55
N PHE A 290 0.58 -3.56 -19.55
CA PHE A 290 0.12 -3.86 -20.90
C PHE A 290 1.30 -4.16 -21.81
N MET A 291 1.21 -5.29 -22.52
CA MET A 291 2.27 -5.70 -23.45
C MET A 291 2.65 -4.58 -24.42
N ARG A 292 1.65 -3.83 -24.89
CA ARG A 292 1.88 -2.77 -25.86
C ARG A 292 2.89 -1.73 -25.36
N ASP A 293 2.96 -1.54 -24.04
CA ASP A 293 3.76 -0.48 -23.42
C ASP A 293 5.16 -0.90 -23.03
N ILE A 294 5.48 -2.20 -23.07
CA ILE A 294 6.68 -2.68 -22.39
C ILE A 294 7.95 -2.13 -23.03
N GLU A 295 8.04 -2.14 -24.36
CA GLU A 295 9.24 -1.61 -25.01
C GLU A 295 9.43 -0.14 -24.70
N TYR A 296 8.34 0.63 -24.73
CA TYR A 296 8.40 2.04 -24.39
C TYR A 296 8.83 2.25 -22.95
N LEU A 297 8.23 1.50 -22.01
CA LEU A 297 8.63 1.61 -20.61
C LEU A 297 10.11 1.32 -20.44
N ARG A 298 10.59 0.25 -21.05
CA ARG A 298 12.00 -0.10 -20.93
C ARG A 298 12.90 1.00 -21.47
N SER A 299 12.48 1.65 -22.56
CA SER A 299 13.26 2.75 -23.12
C SER A 299 13.38 3.92 -22.16
N GLN A 300 12.50 3.99 -21.17
CA GLN A 300 12.53 5.00 -20.12
C GLN A 300 13.08 4.46 -18.81
N ASN A 301 13.75 3.31 -18.83
CA ASN A 301 14.24 2.66 -17.62
C ASN A 301 13.11 2.39 -16.63
N LEU A 302 12.00 1.88 -17.16
CA LEU A 302 10.86 1.49 -16.37
C LEU A 302 10.54 0.03 -16.69
N ALA A 303 9.92 -0.67 -15.72
CA ALA A 303 9.53 -2.07 -15.84
C ALA A 303 10.70 -2.97 -16.22
N LEU A 304 11.92 -2.56 -15.87
CA LEU A 304 13.10 -3.32 -16.28
C LEU A 304 13.19 -4.67 -15.59
N GLY A 305 12.59 -4.80 -14.40
CA GLY A 305 12.54 -6.06 -13.69
C GLY A 305 11.29 -6.87 -13.94
N GLY A 306 10.39 -6.39 -14.79
CA GLY A 306 9.11 -7.05 -14.95
C GLY A 306 9.25 -8.40 -15.62
N SER A 307 8.35 -9.31 -15.24
CA SER A 307 8.25 -10.63 -15.85
C SER A 307 6.86 -11.16 -15.52
N VAL A 308 6.46 -12.23 -16.21
CA VAL A 308 5.19 -12.84 -15.85
C VAL A 308 5.23 -13.44 -14.45
N GLU A 309 6.42 -13.58 -13.89
CA GLU A 309 6.56 -14.07 -12.53
C GLU A 309 6.24 -13.01 -11.48
N ASN A 310 6.19 -11.73 -11.85
CA ASN A 310 5.86 -10.68 -10.90
C ASN A 310 4.82 -9.68 -11.41
N ALA A 311 4.10 -9.99 -12.50
CA ALA A 311 3.12 -9.06 -13.01
C ALA A 311 2.18 -9.78 -13.96
N ILE A 312 0.92 -9.34 -13.97
CA ILE A 312 0.00 -9.76 -15.01
C ILE A 312 0.29 -8.92 -16.23
N VAL A 313 0.58 -9.55 -17.36
CA VAL A 313 0.84 -8.84 -18.60
C VAL A 313 -0.39 -8.96 -19.48
N VAL A 314 -1.02 -7.83 -19.77
CA VAL A 314 -2.21 -7.80 -20.60
C VAL A 314 -1.80 -7.45 -22.01
N ASP A 315 -2.06 -8.34 -22.95
CA ASP A 315 -1.82 -8.10 -24.36
C ASP A 315 -3.04 -7.41 -24.99
N GLU A 316 -3.09 -7.38 -26.32
CA GLU A 316 -4.14 -6.61 -26.99
C GLU A 316 -5.52 -7.22 -26.77
N ASN A 317 -5.60 -8.55 -26.67
CA ASN A 317 -6.89 -9.22 -26.58
C ASN A 317 -6.90 -10.34 -25.55
N ARG A 318 -5.86 -10.49 -24.74
CA ARG A 318 -5.79 -11.61 -23.82
C ARG A 318 -4.78 -11.31 -22.72
N VAL A 319 -4.93 -12.03 -21.61
CA VAL A 319 -3.90 -12.09 -20.58
C VAL A 319 -2.80 -13.05 -21.03
N LEU A 320 -1.54 -12.63 -20.90
CA LEU A 320 -0.44 -13.48 -21.37
C LEU A 320 -0.08 -14.58 -20.39
N ASN A 321 -0.18 -14.32 -19.08
CA ASN A 321 0.24 -15.28 -18.06
C ASN A 321 -0.45 -16.62 -18.25
N GLU A 322 0.32 -17.66 -18.59
CA GLU A 322 -0.29 -18.93 -18.93
C GLU A 322 -0.96 -19.59 -17.73
N ASP A 323 -0.51 -19.27 -16.51
CA ASP A 323 -1.09 -19.89 -15.34
C ASP A 323 -2.37 -19.21 -14.88
N GLY A 324 -2.69 -18.03 -15.42
CA GLY A 324 -3.99 -17.41 -15.23
C GLY A 324 -4.04 -16.39 -14.11
N LEU A 325 -5.26 -16.01 -13.75
CA LEU A 325 -5.50 -15.01 -12.71
C LEU A 325 -5.78 -15.66 -11.37
N ARG A 326 -5.52 -14.90 -10.30
CA ARG A 326 -5.84 -15.36 -8.95
C ARG A 326 -7.25 -14.99 -8.53
N TYR A 327 -7.78 -13.93 -9.12
CA TYR A 327 -9.14 -13.46 -8.87
C TYR A 327 -9.73 -13.04 -10.21
N GLU A 328 -11.03 -13.25 -10.39
CA GLU A 328 -11.64 -12.72 -11.61
C GLU A 328 -11.53 -11.21 -11.67
N ASP A 329 -11.52 -10.54 -10.52
CA ASP A 329 -11.37 -9.08 -10.44
C ASP A 329 -10.00 -8.70 -9.90
N GLU A 330 -8.95 -9.40 -10.31
CA GLU A 330 -7.62 -9.16 -9.75
C GLU A 330 -7.15 -7.74 -10.03
N PHE A 331 -7.51 -7.18 -11.20
CA PHE A 331 -7.06 -5.84 -11.55
C PHE A 331 -7.58 -4.78 -10.57
N VAL A 332 -8.89 -4.75 -10.35
CA VAL A 332 -9.40 -3.73 -9.46
C VAL A 332 -8.99 -4.03 -8.01
N LYS A 333 -8.87 -5.31 -7.64
CA LYS A 333 -8.40 -5.64 -6.30
CA LYS A 333 -8.39 -5.65 -6.30
C LYS A 333 -6.96 -5.19 -6.10
N HIS A 334 -6.14 -5.19 -7.15
CA HIS A 334 -4.78 -4.69 -6.98
C HIS A 334 -4.80 -3.18 -6.78
N LYS A 335 -5.71 -2.47 -7.46
CA LYS A 335 -5.86 -1.03 -7.24
C LYS A 335 -6.26 -0.74 -5.80
N ILE A 336 -7.10 -1.60 -5.22
CA ILE A 336 -7.45 -1.47 -3.80
C ILE A 336 -6.22 -1.68 -2.92
N LEU A 337 -5.41 -2.69 -3.26
CA LEU A 337 -4.16 -2.94 -2.54
C LEU A 337 -3.26 -1.71 -2.59
N ASP A 338 -3.09 -1.14 -3.78
CA ASP A 338 -2.30 0.09 -3.96
C ASP A 338 -2.84 1.20 -3.09
N ALA A 339 -4.16 1.39 -3.07
CA ALA A 339 -4.76 2.46 -2.29
C ALA A 339 -4.49 2.27 -0.81
N ILE A 340 -4.60 1.03 -0.32
CA ILE A 340 -4.32 0.77 1.08
C ILE A 340 -2.88 1.14 1.43
N GLY A 341 -1.93 0.80 0.55
CA GLY A 341 -0.54 1.16 0.80
C GLY A 341 -0.29 2.66 0.75
N ASP A 342 -0.83 3.34 -0.27
CA ASP A 342 -0.66 4.78 -0.37
C ASP A 342 -1.30 5.50 0.83
N LEU A 343 -2.47 5.01 1.27
CA LEU A 343 -3.13 5.61 2.43
C LEU A 343 -2.33 5.43 3.71
N TYR A 344 -1.53 4.36 3.79
CA TYR A 344 -0.77 4.18 5.02
C TYR A 344 0.36 5.19 5.17
N LEU A 345 0.64 5.99 4.13
CA LEU A 345 1.55 7.12 4.31
C LEU A 345 1.00 8.19 5.24
N LEU A 346 -0.27 8.09 5.65
CA LEU A 346 -0.73 8.91 6.78
C LEU A 346 0.02 8.58 8.06
N GLY A 347 0.60 7.39 8.15
CA GLY A 347 1.37 7.00 9.32
C GLY A 347 0.57 6.30 10.40
N ASN A 348 -0.74 6.16 10.21
CA ASN A 348 -1.63 5.51 11.17
C ASN A 348 -2.75 4.82 10.40
N SER A 349 -3.30 3.78 11.01
CA SER A 349 -4.48 3.13 10.46
C SER A 349 -5.66 4.10 10.42
N LEU A 350 -6.51 3.94 9.41
CA LEU A 350 -7.63 4.83 9.17
C LEU A 350 -8.92 4.25 9.73
N ILE A 351 -9.71 5.09 10.36
CA ILE A 351 -11.11 4.78 10.62
C ILE A 351 -11.93 5.66 9.68
N GLY A 352 -12.43 5.05 8.61
CA GLY A 352 -13.13 5.79 7.58
C GLY A 352 -13.20 4.98 6.30
N GLU A 353 -13.69 5.63 5.25
CA GLU A 353 -13.91 4.99 3.97
C GLU A 353 -13.19 5.75 2.86
N PHE A 354 -12.53 5.00 1.98
CA PHE A 354 -11.90 5.55 0.79
C PHE A 354 -12.69 5.12 -0.43
N ARG A 355 -12.91 6.05 -1.37
CA ARG A 355 -13.51 5.74 -2.66
C ARG A 355 -12.65 6.37 -3.74
N GLY A 356 -12.14 5.55 -4.65
CA GLY A 356 -11.31 6.01 -5.74
C GLY A 356 -11.96 5.73 -7.08
N PHE A 357 -11.84 6.70 -7.99
CA PHE A 357 -12.28 6.52 -9.37
C PHE A 357 -11.08 6.88 -10.24
N LYS A 358 -10.46 5.87 -10.85
CA LYS A 358 -9.28 6.06 -11.69
C LYS A 358 -8.19 6.84 -10.96
N SER A 359 -8.14 6.72 -9.64
CA SER A 359 -7.18 7.45 -8.83
C SER A 359 -5.87 6.66 -8.74
N GLY A 360 -4.78 7.27 -9.22
CA GLY A 360 -3.47 6.67 -9.11
C GLY A 360 -2.67 7.21 -7.93
N HIS A 361 -1.37 6.87 -7.93
CA HIS A 361 -0.55 7.24 -6.79
C HIS A 361 -0.52 8.74 -6.58
N ALA A 362 -0.52 9.51 -7.67
CA ALA A 362 -0.45 10.97 -7.55
C ALA A 362 -1.67 11.54 -6.86
N LEU A 363 -2.87 11.15 -7.30
CA LEU A 363 -4.06 11.71 -6.68
C LEU A 363 -4.26 11.16 -5.27
N ASN A 364 -3.88 9.91 -5.02
CA ASN A 364 -3.90 9.39 -3.67
C ASN A 364 -3.09 10.29 -2.73
N ASN A 365 -1.88 10.65 -3.14
CA ASN A 365 -1.05 11.52 -2.30
C ASN A 365 -1.70 12.89 -2.12
N GLN A 366 -2.32 13.43 -3.17
CA GLN A 366 -2.98 14.72 -3.05
CA GLN A 366 -3.00 14.72 -3.07
C GLN A 366 -4.17 14.65 -2.10
N LEU A 367 -4.88 13.51 -2.07
CA LEU A 367 -5.93 13.34 -1.08
C LEU A 367 -5.34 13.35 0.33
N LEU A 368 -4.24 12.62 0.55
CA LEU A 368 -3.62 12.62 1.86
C LEU A 368 -3.20 14.03 2.28
N ARG A 369 -2.60 14.78 1.36
CA ARG A 369 -2.15 16.13 1.70
C ARG A 369 -3.32 17.05 2.02
N THR A 370 -4.42 16.92 1.28
CA THR A 370 -5.60 17.73 1.55
C THR A 370 -6.23 17.35 2.88
N LEU A 371 -6.30 16.06 3.19
CA LEU A 371 -6.85 15.63 4.47
C LEU A 371 -6.02 16.19 5.62
N ILE A 372 -4.69 16.05 5.53
CA ILE A 372 -3.82 16.52 6.61
C ILE A 372 -4.00 18.01 6.83
N ALA A 373 -4.14 18.77 5.75
CA ALA A 373 -4.30 20.21 5.86
C ALA A 373 -5.66 20.60 6.44
N ASP A 374 -6.71 19.83 6.15
CA ASP A 374 -8.04 20.13 6.68
C ASP A 374 -8.19 19.45 8.03
N LYS A 375 -7.67 20.11 9.06
CA LYS A 375 -7.64 19.47 10.38
C LYS A 375 -9.02 19.37 11.00
N ASP A 376 -10.01 20.09 10.47
CA ASP A 376 -11.38 19.89 10.92
C ASP A 376 -11.93 18.53 10.48
N ALA A 377 -11.30 17.88 9.52
CA ALA A 377 -11.85 16.67 8.95
C ALA A 377 -11.31 15.40 9.59
N TRP A 378 -10.43 15.50 10.59
CA TRP A 378 -9.92 14.26 11.15
C TRP A 378 -9.45 14.50 12.58
N GLU A 379 -9.28 13.39 13.29
CA GLU A 379 -8.85 13.41 14.68
C GLU A 379 -8.06 12.13 14.94
N VAL A 380 -7.25 12.15 15.99
CA VAL A 380 -6.48 10.99 16.40
C VAL A 380 -7.19 10.34 17.59
N VAL A 381 -7.44 9.04 17.50
CA VAL A 381 -8.17 8.33 18.55
C VAL A 381 -7.43 7.06 18.92
N THR A 382 -7.69 6.61 20.14
CA THR A 382 -7.17 5.36 20.68
C THR A 382 -8.32 4.60 21.34
N PHE A 383 -8.09 3.32 21.59
CA PHE A 383 -9.14 2.47 22.14
C PHE A 383 -8.64 1.77 23.40
N GLU A 384 -9.19 2.18 24.55
CA GLU A 384 -8.86 1.58 25.83
C GLU A 384 -9.33 0.14 25.93
N ASP A 385 -10.30 -0.27 25.10
CA ASP A 385 -10.88 -1.61 25.14
C ASP A 385 -11.08 -2.08 23.71
N ALA A 386 -10.28 -3.07 23.29
CA ALA A 386 -10.38 -3.55 21.91
C ALA A 386 -11.78 -4.07 21.59
N ARG A 387 -12.54 -4.52 22.60
CA ARG A 387 -13.86 -5.08 22.35
C ARG A 387 -14.84 -4.05 21.80
N THR A 388 -14.65 -2.77 22.12
CA THR A 388 -15.62 -1.75 21.73
C THR A 388 -15.18 -0.95 20.50
N ALA A 389 -14.03 -1.28 19.91
CA ALA A 389 -13.45 -0.59 18.77
C ALA A 389 -14.12 -1.02 17.45
N PRO A 390 -14.17 -0.13 16.46
CA PRO A 390 -14.79 -0.48 15.17
C PRO A 390 -13.93 -1.33 14.26
N ILE A 391 -12.67 -1.55 14.61
CA ILE A 391 -11.76 -2.39 13.84
C ILE A 391 -11.14 -3.39 14.79
N SER A 392 -10.93 -4.61 14.31
CA SER A 392 -10.26 -5.61 15.12
C SER A 392 -9.11 -6.20 14.32
N TYR A 393 -8.13 -6.74 15.04
CA TYR A 393 -6.92 -7.28 14.42
C TYR A 393 -6.73 -8.72 14.83
N MET A 394 -6.09 -9.48 13.94
CA MET A 394 -5.75 -10.86 14.24
C MET A 394 -4.77 -10.91 15.39
N ARG A 395 -4.74 -12.06 16.06
CA ARG A 395 -3.72 -12.32 17.07
CA ARG A 395 -3.72 -12.28 17.06
C ARG A 395 -2.35 -12.10 16.43
N PRO A 396 -1.36 -11.62 17.19
CA PRO A 396 -0.01 -11.30 16.67
C PRO A 396 0.86 -12.52 16.36
C5 C90 B . 8.80 -9.44 -20.00
C6 C90 B . 8.03 -8.41 -19.17
C9 C90 B . 6.69 -6.47 -17.72
C10 C90 B . 5.93 -5.42 -16.93
O1 C90 B . 6.67 -11.77 -22.86
C11 C90 B . 5.34 -4.60 -16.29
C12 C90 B . 4.58 -3.63 -15.41
C19 C90 B . -0.32 0.11 -11.66
C15 C90 B . 3.29 -1.62 -14.04
C16 C90 B . 2.56 -0.57 -13.20
C18 C90 B . 1.14 -0.06 -11.21
C21 C90 B . -1.04 -1.25 -11.69
C22 C90 B . 1.23 -0.49 -9.74
CA1 C90 B . 7.87 -12.28 -22.27
CA2 C90 B . 5.96 -10.85 -22.04
CB1 C90 B . 8.72 -11.19 -21.60
CB2 C90 B . 6.86 -9.76 -21.45
N4 C90 B . 7.94 -10.36 -20.73
CC1 C90 B . 6.96 -8.77 -18.37
CC2 C90 B . 8.41 -7.08 -19.25
CD1 C90 B . 6.29 -7.79 -17.64
CD2 C90 B . 7.74 -6.11 -18.52
CE1 C90 B . 4.61 -2.33 -15.91
CE2 C90 B . 3.92 -3.92 -14.24
CF1 C90 B . 3.95 -1.31 -15.23
CF C90 B . 3.28 -2.91 -13.56
O16 C90 B . 2.64 0.58 -13.46
N17 C90 B . 1.82 -1.04 -12.05
O20 C90 B . -0.98 0.98 -10.79
N23 C90 B . 1.68 0.48 -8.78
O22 C90 B . 0.96 -1.58 -9.35
O24 C90 B . 1.75 0.02 -7.44
ZN ZN C . 0.63 -1.77 -7.33
CL CL D . -3.34 9.90 -10.30
CA CA E . 8.51 7.23 -10.81
C1 EDO F . -0.24 -15.40 1.65
O1 EDO F . 1.08 -14.96 1.37
C2 EDO F . -1.28 -14.32 1.37
O2 EDO F . -0.83 -13.05 1.90
C1 EDO G . 10.60 4.77 -11.02
O1 EDO G . 10.64 6.17 -10.68
C2 EDO G . 9.57 4.08 -10.14
O2 EDO G . 8.29 4.72 -10.31
C1 EDO H . -12.70 19.11 -13.52
O1 EDO H . -12.67 17.89 -14.26
C2 EDO H . -13.31 18.83 -12.17
O2 EDO H . -12.83 17.55 -11.73
#